data_5JT9
#
_entry.id   5JT9
#
_cell.length_a   92.547
_cell.length_b   92.547
_cell.length_c   131.226
_cell.angle_alpha   90.00
_cell.angle_beta   90.00
_cell.angle_gamma   120.00
#
_symmetry.space_group_name_H-M   'P 61 2 2'
#
loop_
_entity.id
_entity.type
_entity.pdbx_description
1 polymer Thermolysin
2 non-polymer 'ZINC ION'
3 non-polymer 'CALCIUM ION'
4 non-polymer GLYCEROL
5 non-polymer 'DIMETHYL SULFOXIDE'
6 non-polymer '~{N}-[(2~{S})-1-[[(2~{S})-2,3-dimethylbutyl]amino]-4-methyl-1-oxidanylidene-pentan-2-yl]-(phenylmethoxycarbonylaminomethyl)phosphonamidic acid'
7 water water
#
_entity_poly.entity_id   1
_entity_poly.type   'polypeptide(L)'
_entity_poly.pdbx_seq_one_letter_code
;ITGTSTVGVGRGVLGDQKNINTTYSTYYYLQDNTRGNGIFTYDAKYRTTLPGSLWADADNQFFASYDAPAVDAHYYAGVT
YDYYKNVHNRLSYDGNNAAIRSSVHYSQGYNNAFWNGSQMVYGDGDGQTFIPLSGGIDVVAHELTHAVTDYTAGLIYQNE
SGAINEAISDIFGTLVEFYANKNPDWEIGEDVYTPGISGDSLRSMSDPAKYGDPDHYSKRYTGTQDNGGVHINSGIINKA
AYLISQGGTHYGVSVVGIGRDKLGKIFYRALTQYLTPTSNFSQLRAAAVQSATDLYGSTSQEVASVKQAFDAVGVK
;
_entity_poly.pdbx_strand_id   E
#
loop_
_chem_comp.id
_chem_comp.type
_chem_comp.name
_chem_comp.formula
7AF non-polymer '~{N}-[(2~{S})-1-[[(2~{S})-2,3-dimethylbutyl]amino]-4-methyl-1-oxidanylidene-pentan-2-yl]-(phenylmethoxycarbonylaminomethyl)phosphonamidic acid' 'C21 H36 N3 O5 P'
CA non-polymer 'CALCIUM ION' 'Ca 2'
DMS non-polymer 'DIMETHYL SULFOXIDE' 'C2 H6 O S'
GOL non-polymer GLYCEROL 'C3 H8 O3'
ZN non-polymer 'ZINC ION' 'Zn 2'
#
# COMPACT_ATOMS: atom_id res chain seq x y z
N ILE A 1 -14.39 15.58 14.69
CA ILE A 1 -15.27 16.15 15.74
C ILE A 1 -14.42 16.60 16.92
N THR A 2 -14.96 17.55 17.68
CA THR A 2 -14.30 17.99 18.91
C THR A 2 -14.65 17.03 20.02
N GLY A 3 -13.65 16.56 20.73
CA GLY A 3 -13.87 15.63 21.82
C GLY A 3 -12.56 15.32 22.49
N THR A 4 -12.53 14.27 23.29
CA THR A 4 -11.32 13.90 24.00
C THR A 4 -10.81 12.57 23.46
N SER A 5 -9.49 12.46 23.39
CA SER A 5 -8.87 11.26 22.85
C SER A 5 -9.02 10.08 23.80
N THR A 6 -9.43 8.95 23.25
CA THR A 6 -9.74 7.74 24.00
C THR A 6 -9.08 6.55 23.31
N VAL A 7 -9.12 5.39 23.96
CA VAL A 7 -8.53 4.15 23.44
C VAL A 7 -9.56 3.05 23.53
N GLY A 8 -10.07 2.63 22.38
CA GLY A 8 -10.98 1.51 22.29
C GLY A 8 -10.25 0.22 22.01
N VAL A 9 -11.01 -0.85 22.02
N VAL A 9 -11.03 -0.85 21.99
CA VAL A 9 -10.45 -2.17 21.74
CA VAL A 9 -10.53 -2.20 21.81
C VAL A 9 -11.44 -2.92 20.86
C VAL A 9 -11.47 -2.90 20.83
N GLY A 10 -10.93 -3.73 19.96
CA GLY A 10 -11.79 -4.48 19.07
C GLY A 10 -11.05 -5.60 18.39
N ARG A 11 -11.72 -6.24 17.45
N ARG A 11 -11.70 -6.16 17.38
CA ARG A 11 -11.13 -7.31 16.65
CA ARG A 11 -11.21 -7.30 16.64
C ARG A 11 -11.20 -6.94 15.19
C ARG A 11 -11.22 -6.96 15.16
N GLY A 12 -10.12 -7.26 14.47
CA GLY A 12 -10.04 -7.05 13.05
C GLY A 12 -10.63 -8.18 12.23
N VAL A 13 -10.48 -8.03 10.91
CA VAL A 13 -11.05 -8.96 9.93
C VAL A 13 -10.58 -10.38 10.16
N LEU A 14 -9.33 -10.56 10.58
N LEU A 14 -9.33 -10.56 10.56
CA LEU A 14 -8.77 -11.89 10.82
CA LEU A 14 -8.81 -11.90 10.78
C LEU A 14 -8.89 -12.34 12.27
C LEU A 14 -9.08 -12.44 12.19
N GLY A 15 -9.72 -11.66 13.06
CA GLY A 15 -10.04 -12.14 14.39
C GLY A 15 -9.05 -11.74 15.46
N ASP A 16 -8.12 -10.87 15.16
CA ASP A 16 -7.09 -10.47 16.11
C ASP A 16 -7.51 -9.23 16.88
N GLN A 17 -7.22 -9.22 18.18
CA GLN A 17 -7.58 -8.09 19.01
C GLN A 17 -6.55 -6.97 18.91
N LYS A 18 -7.01 -5.73 18.84
CA LYS A 18 -6.09 -4.61 18.83
C LYS A 18 -6.75 -3.40 19.49
N ASN A 19 -5.92 -2.51 20.02
CA ASN A 19 -6.38 -1.22 20.53
C ASN A 19 -6.43 -0.23 19.38
N ILE A 20 -7.42 0.67 19.44
N ILE A 20 -7.40 0.67 19.45
CA ILE A 20 -7.61 1.70 18.43
CA ILE A 20 -7.53 1.72 18.44
C ILE A 20 -7.79 3.06 19.12
C ILE A 20 -7.77 3.06 19.12
N ASN A 21 -7.23 4.09 18.50
CA ASN A 21 -7.39 5.47 18.98
C ASN A 21 -8.72 6.02 18.52
N THR A 22 -9.54 6.44 19.48
CA THR A 22 -10.88 6.95 19.22
C THR A 22 -11.00 8.35 19.84
N THR A 23 -12.18 8.96 19.63
CA THR A 23 -12.51 10.26 20.19
C THR A 23 -13.89 10.16 20.81
N TYR A 24 -14.03 10.63 22.05
CA TYR A 24 -15.31 10.61 22.74
C TYR A 24 -15.96 11.97 22.76
N SER A 25 -17.20 12.00 22.26
CA SER A 25 -18.10 13.14 22.41
C SER A 25 -19.50 12.56 22.15
N THR A 26 -20.19 12.19 23.23
CA THR A 26 -21.45 11.44 23.24
C THR A 26 -21.27 10.00 22.78
N TYR A 27 -20.78 9.82 21.57
CA TYR A 27 -20.33 8.53 21.06
C TYR A 27 -18.82 8.46 21.05
N TYR A 28 -18.31 7.26 20.87
CA TYR A 28 -16.89 7.03 20.56
C TYR A 28 -16.75 6.91 19.05
N TYR A 29 -15.95 7.77 18.46
CA TYR A 29 -15.76 7.84 17.03
C TYR A 29 -14.41 7.26 16.64
N LEU A 30 -14.34 6.66 15.44
CA LEU A 30 -13.06 6.25 14.85
C LEU A 30 -12.35 7.49 14.30
N GLN A 31 -11.76 8.23 15.25
CA GLN A 31 -11.02 9.45 15.00
C GLN A 31 -9.80 9.37 15.92
N ASP A 32 -8.63 9.17 15.30
CA ASP A 32 -7.35 9.06 16.00
C ASP A 32 -6.67 10.42 15.96
N ASN A 33 -6.60 11.08 17.11
CA ASN A 33 -6.00 12.42 17.17
C ASN A 33 -4.50 12.37 17.41
N THR A 34 -3.92 11.18 17.56
CA THR A 34 -2.52 11.06 17.95
C THR A 34 -1.58 11.21 16.79
N ARG A 35 -2.10 11.23 15.56
CA ARG A 35 -1.27 11.24 14.37
C ARG A 35 -1.70 12.41 13.49
N GLY A 36 -0.79 13.35 13.28
CA GLY A 36 -1.03 14.45 12.37
C GLY A 36 -2.29 15.22 12.73
N ASN A 37 -3.07 15.55 11.70
CA ASN A 37 -4.36 16.17 11.88
C ASN A 37 -5.49 15.17 11.85
N GLY A 38 -5.18 13.94 12.22
CA GLY A 38 -6.17 12.93 12.49
C GLY A 38 -6.27 11.86 11.43
N ILE A 39 -6.73 10.69 11.86
CA ILE A 39 -7.13 9.58 11.01
C ILE A 39 -8.60 9.33 11.33
N PHE A 40 -9.43 9.31 10.30
CA PHE A 40 -10.88 9.28 10.40
C PHE A 40 -11.39 8.12 9.57
N THR A 41 -12.21 7.27 10.16
CA THR A 41 -12.78 6.11 9.47
C THR A 41 -14.30 6.20 9.46
N TYR A 42 -14.88 5.94 8.29
CA TYR A 42 -16.28 6.16 7.97
C TYR A 42 -16.98 4.87 7.56
N ASP A 43 -18.30 4.83 7.80
CA ASP A 43 -19.17 3.74 7.38
C ASP A 43 -19.87 4.16 6.09
N ALA A 44 -19.61 3.45 4.99
CA ALA A 44 -20.34 3.66 3.75
C ALA A 44 -21.62 2.83 3.64
N LYS A 45 -21.88 1.93 4.60
CA LYS A 45 -23.20 1.29 4.80
C LYS A 45 -23.69 0.54 3.57
N TYR A 46 -22.76 -0.07 2.84
CA TYR A 46 -23.03 -0.87 1.65
C TYR A 46 -23.43 -0.03 0.45
N ARG A 47 -23.38 1.29 0.56
CA ARG A 47 -23.70 2.18 -0.54
C ARG A 47 -22.42 2.74 -1.13
N THR A 48 -22.58 3.63 -2.13
CA THR A 48 -21.46 4.16 -2.88
C THR A 48 -21.32 5.66 -2.74
N THR A 49 -22.12 6.28 -1.86
N THR A 49 -22.16 6.28 -1.90
CA THR A 49 -21.98 7.71 -1.57
CA THR A 49 -21.96 7.66 -1.50
C THR A 49 -20.92 7.89 -0.48
C THR A 49 -20.78 7.75 -0.55
N LEU A 50 -19.93 8.75 -0.77
CA LEU A 50 -18.73 8.89 0.06
C LEU A 50 -18.64 10.27 0.68
N PRO A 51 -18.06 10.35 1.89
CA PRO A 51 -17.46 9.25 2.65
C PRO A 51 -18.43 8.36 3.42
N GLY A 52 -19.68 8.78 3.56
CA GLY A 52 -20.56 8.12 4.51
C GLY A 52 -20.48 8.83 5.84
N SER A 53 -20.68 8.08 6.91
N SER A 53 -20.82 8.13 6.93
CA SER A 53 -20.78 8.65 8.25
CA SER A 53 -20.85 8.77 8.25
C SER A 53 -19.53 8.34 9.05
C SER A 53 -19.65 8.35 9.10
N LEU A 54 -19.04 9.34 9.78
CA LEU A 54 -17.92 9.06 10.66
C LEU A 54 -18.32 7.96 11.63
N TRP A 55 -17.48 6.95 11.78
CA TRP A 55 -17.90 5.75 12.49
C TRP A 55 -18.13 6.06 13.96
N ALA A 56 -19.35 5.80 14.43
CA ALA A 56 -19.77 6.07 15.80
C ALA A 56 -20.10 4.75 16.49
N ASP A 57 -19.70 4.64 17.76
CA ASP A 57 -19.90 3.44 18.55
C ASP A 57 -20.25 3.84 19.99
N ALA A 58 -21.22 3.15 20.56
CA ALA A 58 -21.73 3.54 21.87
C ALA A 58 -20.76 3.27 23.01
N ASP A 59 -19.93 2.22 22.95
CA ASP A 59 -19.20 1.77 24.12
C ASP A 59 -17.70 1.65 23.96
N ASN A 60 -17.13 2.03 22.81
CA ASN A 60 -15.70 1.97 22.59
C ASN A 60 -15.15 0.55 22.50
N GLN A 61 -16.02 -0.43 22.29
CA GLN A 61 -15.65 -1.82 22.07
C GLN A 61 -16.10 -2.18 20.67
N PHE A 62 -15.21 -2.77 19.88
CA PHE A 62 -15.44 -2.97 18.45
C PHE A 62 -15.24 -4.45 18.09
N PHE A 63 -16.06 -5.31 18.67
CA PHE A 63 -15.98 -6.75 18.48
C PHE A 63 -17.07 -7.34 17.60
N ALA A 64 -17.96 -6.51 17.04
CA ALA A 64 -18.98 -7.04 16.16
C ALA A 64 -18.39 -7.34 14.81
N SER A 65 -18.97 -8.31 14.11
N SER A 65 -18.96 -8.32 14.13
CA SER A 65 -18.46 -8.62 12.78
CA SER A 65 -18.50 -8.63 12.79
C SER A 65 -18.52 -7.40 11.86
C SER A 65 -18.51 -7.39 11.91
N TYR A 66 -19.57 -6.57 12.00
CA TYR A 66 -19.67 -5.38 11.16
C TYR A 66 -18.54 -4.38 11.45
N ASP A 67 -17.99 -4.41 12.66
CA ASP A 67 -16.93 -3.48 13.04
C ASP A 67 -15.58 -3.84 12.45
N ALA A 68 -15.35 -5.13 12.14
CA ALA A 68 -13.99 -5.59 11.86
C ALA A 68 -13.30 -4.85 10.73
N PRO A 69 -13.95 -4.55 9.59
CA PRO A 69 -13.23 -3.85 8.53
C PRO A 69 -12.85 -2.43 8.95
N ALA A 70 -13.66 -1.81 9.81
CA ALA A 70 -13.36 -0.47 10.27
C ALA A 70 -12.18 -0.46 11.21
N VAL A 71 -12.14 -1.43 12.13
CA VAL A 71 -11.00 -1.58 13.05
C VAL A 71 -9.70 -1.62 12.27
N ASP A 72 -9.63 -2.46 11.23
CA ASP A 72 -8.39 -2.66 10.50
C ASP A 72 -8.06 -1.48 9.60
N ALA A 73 -9.04 -0.88 8.92
CA ALA A 73 -8.75 0.30 8.12
C ALA A 73 -8.14 1.39 8.99
N HIS A 74 -8.70 1.57 10.18
CA HIS A 74 -8.27 2.63 11.08
C HIS A 74 -6.88 2.32 11.63
N TYR A 75 -6.70 1.10 12.13
CA TYR A 75 -5.44 0.71 12.75
C TYR A 75 -4.30 0.68 11.73
N TYR A 76 -4.53 0.08 10.56
CA TYR A 76 -3.47 -0.02 9.57
C TYR A 76 -3.15 1.32 8.93
N ALA A 77 -4.11 2.24 8.85
CA ALA A 77 -3.77 3.60 8.45
C ALA A 77 -2.78 4.22 9.43
N GLY A 78 -2.97 3.97 10.74
CA GLY A 78 -2.03 4.43 11.74
C GLY A 78 -0.64 3.85 11.57
N VAL A 79 -0.55 2.55 11.29
CA VAL A 79 0.77 1.94 11.06
C VAL A 79 1.45 2.57 9.86
N THR A 80 0.68 2.80 8.79
CA THR A 80 1.24 3.38 7.58
C THR A 80 1.71 4.80 7.81
N TYR A 81 0.92 5.59 8.54
CA TYR A 81 1.36 6.94 8.95
C TYR A 81 2.68 6.86 9.69
N ASP A 82 2.79 5.93 10.64
CA ASP A 82 4.00 5.81 11.42
C ASP A 82 5.20 5.43 10.55
N TYR A 83 4.99 4.53 9.60
CA TYR A 83 6.08 4.17 8.68
C TYR A 83 6.59 5.41 7.95
N TYR A 84 5.70 6.14 7.31
CA TYR A 84 6.17 7.30 6.54
C TYR A 84 6.85 8.33 7.44
N LYS A 85 6.30 8.58 8.62
CA LYS A 85 6.88 9.59 9.51
C LYS A 85 8.22 9.11 10.06
N ASN A 86 8.25 7.89 10.59
CA ASN A 86 9.44 7.43 11.31
C ASN A 86 10.56 7.04 10.36
N VAL A 87 10.23 6.49 9.20
CA VAL A 87 11.25 5.99 8.27
C VAL A 87 11.66 7.05 7.26
N HIS A 88 10.72 7.85 6.76
CA HIS A 88 11.00 8.80 5.68
C HIS A 88 10.83 10.26 6.09
N ASN A 89 10.50 10.54 7.36
CA ASN A 89 10.29 11.90 7.80
C ASN A 89 9.22 12.60 6.97
N ARG A 90 8.19 11.86 6.57
CA ARG A 90 7.06 12.41 5.82
C ARG A 90 5.83 12.42 6.70
N LEU A 91 5.19 13.57 6.80
CA LEU A 91 4.02 13.79 7.65
C LEU A 91 2.75 13.66 6.81
N SER A 92 2.11 12.49 6.91
CA SER A 92 0.94 12.15 6.11
C SER A 92 1.21 12.17 4.61
N TYR A 93 0.16 12.00 3.81
CA TYR A 93 0.37 11.79 2.38
C TYR A 93 0.82 13.06 1.66
N ASP A 94 0.43 14.23 2.17
CA ASP A 94 0.80 15.50 1.54
C ASP A 94 2.07 16.10 2.11
N GLY A 95 2.68 15.48 3.12
CA GLY A 95 3.84 16.06 3.76
C GLY A 95 3.54 17.12 4.78
N ASN A 96 2.26 17.49 4.97
CA ASN A 96 1.85 18.54 5.89
C ASN A 96 0.75 18.05 6.82
N ASN A 97 0.72 16.77 7.11
CA ASN A 97 -0.21 16.21 8.09
C ASN A 97 -1.67 16.33 7.67
N ALA A 98 -1.97 16.18 6.37
CA ALA A 98 -3.36 16.11 5.96
C ALA A 98 -4.10 15.03 6.73
N ALA A 99 -5.34 15.31 7.09
CA ALA A 99 -6.21 14.29 7.68
C ALA A 99 -6.34 13.10 6.73
N ILE A 100 -6.28 11.90 7.28
CA ILE A 100 -6.40 10.66 6.52
C ILE A 100 -7.79 10.08 6.71
N ARG A 101 -8.54 9.94 5.63
CA ARG A 101 -9.92 9.47 5.69
C ARG A 101 -10.07 8.17 4.90
N SER A 102 -10.80 7.23 5.50
CA SER A 102 -11.11 5.94 4.89
C SER A 102 -12.57 5.61 5.08
N SER A 103 -13.20 5.00 4.08
CA SER A 103 -14.56 4.44 4.21
C SER A 103 -14.51 2.94 4.00
N VAL A 104 -15.23 2.21 4.84
CA VAL A 104 -15.37 0.77 4.70
C VAL A 104 -16.84 0.43 4.45
N HIS A 105 -17.09 -0.85 4.16
CA HIS A 105 -18.41 -1.31 3.73
C HIS A 105 -18.87 -0.56 2.49
N TYR A 106 -17.95 -0.30 1.56
CA TYR A 106 -18.30 0.32 0.30
C TYR A 106 -18.98 -0.67 -0.63
N SER A 107 -20.18 -0.32 -1.10
CA SER A 107 -20.95 -1.10 -2.06
C SER A 107 -21.27 -2.49 -1.51
N GLN A 108 -21.64 -3.42 -2.38
CA GLN A 108 -21.99 -4.79 -2.02
C GLN A 108 -21.13 -5.75 -2.80
N GLY A 109 -20.53 -6.70 -2.10
CA GLY A 109 -19.71 -7.70 -2.76
C GLY A 109 -18.53 -7.13 -3.51
N TYR A 110 -17.96 -6.02 -3.03
CA TYR A 110 -17.05 -5.21 -3.83
C TYR A 110 -15.62 -5.72 -3.68
N ASN A 111 -15.08 -6.28 -4.77
CA ASN A 111 -13.78 -6.95 -4.77
C ASN A 111 -12.66 -5.97 -5.13
N ASN A 112 -12.55 -4.86 -4.40
CA ASN A 112 -11.50 -3.89 -4.68
C ASN A 112 -11.42 -2.89 -3.55
N ALA A 113 -10.39 -2.05 -3.64
CA ALA A 113 -10.16 -0.93 -2.74
C ALA A 113 -9.45 0.12 -3.58
N PHE A 114 -9.57 1.39 -3.22
CA PHE A 114 -9.01 2.45 -4.06
C PHE A 114 -8.84 3.75 -3.28
N TRP A 115 -8.02 4.63 -3.85
CA TRP A 115 -7.92 6.02 -3.45
C TRP A 115 -8.72 6.82 -4.48
N ASN A 116 -9.72 7.61 -4.04
CA ASN A 116 -10.63 8.26 -4.98
C ASN A 116 -10.22 9.68 -5.35
N GLY A 117 -8.99 10.07 -5.03
CA GLY A 117 -8.52 11.42 -5.18
C GLY A 117 -8.49 12.19 -3.86
N SER A 118 -9.24 11.73 -2.86
CA SER A 118 -9.43 12.43 -1.60
C SER A 118 -9.40 11.51 -0.37
N GLN A 119 -9.63 10.21 -0.52
CA GLN A 119 -9.79 9.31 0.61
C GLN A 119 -9.60 7.88 0.12
N MET A 120 -9.38 6.98 1.07
CA MET A 120 -9.33 5.54 0.82
C MET A 120 -10.73 4.96 0.92
N VAL A 121 -10.97 3.91 0.11
CA VAL A 121 -12.27 3.25 0.01
C VAL A 121 -12.03 1.75 -0.04
N TYR A 122 -12.74 0.99 0.80
CA TYR A 122 -12.57 -0.46 0.90
C TYR A 122 -13.88 -1.20 0.70
N GLY A 123 -13.92 -2.10 -0.27
CA GLY A 123 -14.99 -3.07 -0.37
C GLY A 123 -14.90 -4.12 0.71
N ASP A 124 -15.99 -4.85 0.87
CA ASP A 124 -16.06 -6.02 1.75
C ASP A 124 -15.65 -7.29 1.04
N GLY A 125 -15.50 -7.25 -0.29
CA GLY A 125 -15.33 -8.45 -1.05
C GLY A 125 -16.62 -9.27 -1.12
N ASP A 126 -16.63 -10.30 -1.96
CA ASP A 126 -17.80 -11.17 -2.10
C ASP A 126 -17.68 -12.45 -1.30
N GLY A 127 -16.64 -12.59 -0.50
CA GLY A 127 -16.41 -13.78 0.28
C GLY A 127 -15.78 -14.92 -0.47
N GLN A 128 -15.56 -14.76 -1.77
CA GLN A 128 -14.93 -15.76 -2.61
C GLN A 128 -13.60 -15.26 -3.14
N THR A 129 -13.59 -14.13 -3.84
CA THR A 129 -12.33 -13.55 -4.31
C THR A 129 -11.64 -12.79 -3.19
N PHE A 130 -12.39 -12.04 -2.37
CA PHE A 130 -11.83 -11.30 -1.25
C PHE A 130 -12.76 -11.38 -0.06
N ILE A 131 -12.17 -11.28 1.12
CA ILE A 131 -12.84 -10.85 2.34
C ILE A 131 -12.56 -9.35 2.53
N PRO A 132 -13.09 -8.67 3.54
CA PRO A 132 -12.95 -7.21 3.55
C PRO A 132 -11.50 -6.75 3.44
N LEU A 133 -11.26 -5.87 2.48
CA LEU A 133 -9.90 -5.70 1.98
C LEU A 133 -9.01 -4.94 2.95
N SER A 134 -9.59 -4.19 3.88
CA SER A 134 -8.79 -3.53 4.90
C SER A 134 -8.13 -4.51 5.86
N GLY A 135 -8.47 -5.80 5.81
CA GLY A 135 -7.77 -6.77 6.63
C GLY A 135 -6.33 -7.02 6.21
N GLY A 136 -5.89 -6.51 5.07
CA GLY A 136 -4.52 -6.64 4.63
C GLY A 136 -3.74 -5.36 4.88
N ILE A 137 -2.71 -5.45 5.72
CA ILE A 137 -1.89 -4.27 5.97
C ILE A 137 -1.22 -3.79 4.68
N ASP A 138 -0.76 -4.73 3.84
CA ASP A 138 -0.18 -4.35 2.55
C ASP A 138 -1.19 -3.63 1.68
N VAL A 139 -2.46 -4.03 1.75
CA VAL A 139 -3.52 -3.37 0.98
C VAL A 139 -3.72 -1.95 1.46
N VAL A 140 -3.88 -1.77 2.78
CA VAL A 140 -4.10 -0.42 3.31
C VAL A 140 -2.93 0.47 2.94
N ALA A 141 -1.70 0.00 3.13
CA ALA A 141 -0.55 0.80 2.78
C ALA A 141 -0.43 1.04 1.27
N HIS A 142 -0.83 0.06 0.45
CA HIS A 142 -0.91 0.27 -1.00
C HIS A 142 -1.83 1.45 -1.32
N GLU A 143 -3.00 1.49 -0.69
CA GLU A 143 -3.96 2.57 -0.97
C GLU A 143 -3.42 3.92 -0.53
N LEU A 144 -2.89 4.01 0.69
CA LEU A 144 -2.41 5.29 1.17
C LEU A 144 -1.22 5.76 0.33
N THR A 145 -0.43 4.80 -0.16
CA THR A 145 0.69 5.17 -1.01
C THR A 145 0.24 5.78 -2.34
N HIS A 146 -0.94 5.41 -2.86
CA HIS A 146 -1.46 6.13 -4.02
C HIS A 146 -1.58 7.61 -3.73
N ALA A 147 -2.05 7.97 -2.53
CA ALA A 147 -2.14 9.39 -2.16
C ALA A 147 -0.75 10.06 -2.13
N VAL A 148 0.24 9.35 -1.56
CA VAL A 148 1.61 9.86 -1.56
C VAL A 148 2.09 10.11 -2.98
N THR A 149 1.92 9.12 -3.85
CA THR A 149 2.31 9.29 -5.25
C THR A 149 1.62 10.50 -5.86
N ASP A 150 0.30 10.62 -5.66
CA ASP A 150 -0.43 11.69 -6.31
C ASP A 150 0.05 13.07 -5.87
N TYR A 151 0.50 13.20 -4.61
CA TYR A 151 1.01 14.45 -4.10
C TYR A 151 2.47 14.72 -4.48
N THR A 152 3.18 13.73 -5.02
CA THR A 152 4.61 13.84 -5.26
C THR A 152 4.84 13.64 -6.75
N ALA A 153 5.28 12.46 -7.20
CA ALA A 153 5.59 12.28 -8.63
C ALA A 153 4.38 12.53 -9.51
N GLY A 154 3.20 12.13 -9.07
CA GLY A 154 2.00 12.38 -9.85
C GLY A 154 1.85 11.48 -11.06
N LEU A 155 2.45 10.30 -11.01
CA LEU A 155 2.46 9.33 -12.11
C LEU A 155 1.05 9.11 -12.66
N ILE A 156 0.90 9.40 -13.95
CA ILE A 156 -0.38 9.24 -14.64
C ILE A 156 -0.77 7.76 -14.64
N TYR A 157 -2.04 7.48 -14.39
CA TYR A 157 -2.48 6.09 -14.14
C TYR A 157 -2.80 5.32 -15.42
N GLN A 158 -1.80 5.20 -16.30
CA GLN A 158 -1.94 4.40 -17.49
C GLN A 158 -0.56 4.05 -18.03
N ASN A 159 -0.48 2.94 -18.74
CA ASN A 159 0.75 2.55 -19.47
C ASN A 159 1.93 2.50 -18.50
N GLU A 160 3.14 2.87 -18.92
CA GLU A 160 4.30 2.62 -18.06
C GLU A 160 4.27 3.48 -16.80
N SER A 161 3.91 4.76 -16.90
CA SER A 161 3.85 5.56 -15.67
C SER A 161 2.86 4.96 -14.68
N GLY A 162 1.75 4.40 -15.19
CA GLY A 162 0.75 3.81 -14.31
C GLY A 162 1.21 2.52 -13.68
N ALA A 163 1.99 1.72 -14.43
CA ALA A 163 2.60 0.53 -13.85
C ALA A 163 3.63 0.87 -12.79
N ILE A 164 4.37 1.98 -12.97
CA ILE A 164 5.25 2.44 -11.90
C ILE A 164 4.44 2.86 -10.69
N ASN A 165 3.36 3.61 -10.92
CA ASN A 165 2.46 4.02 -9.84
C ASN A 165 2.02 2.80 -9.03
N GLU A 166 1.56 1.76 -9.73
CA GLU A 166 1.13 0.53 -9.08
C GLU A 166 2.27 -0.12 -8.30
N ALA A 167 3.44 -0.25 -8.92
CA ALA A 167 4.55 -0.89 -8.26
C ALA A 167 4.97 -0.12 -7.01
N ILE A 168 4.96 1.21 -7.06
CA ILE A 168 5.29 2.00 -5.87
C ILE A 168 4.34 1.64 -4.73
N SER A 169 3.05 1.51 -5.02
CA SER A 169 2.08 1.11 -4.01
C SER A 169 2.32 -0.31 -3.50
N ASP A 170 2.71 -1.25 -4.38
CA ASP A 170 3.01 -2.60 -3.90
C ASP A 170 4.31 -2.63 -3.08
N ILE A 171 5.32 -1.88 -3.51
CA ILE A 171 6.60 -1.81 -2.82
C ILE A 171 6.40 -1.27 -1.40
N PHE A 172 5.80 -0.09 -1.29
CA PHE A 172 5.61 0.49 0.04
C PHE A 172 4.56 -0.27 0.84
N GLY A 173 3.57 -0.86 0.19
CA GLY A 173 2.67 -1.73 0.93
C GLY A 173 3.43 -2.86 1.60
N THR A 174 4.36 -3.47 0.87
CA THR A 174 5.19 -4.54 1.41
C THR A 174 6.15 -4.02 2.48
N LEU A 175 6.77 -2.87 2.26
CA LEU A 175 7.68 -2.34 3.28
C LEU A 175 6.94 -2.00 4.58
N VAL A 176 5.69 -1.52 4.48
CA VAL A 176 4.89 -1.32 5.69
C VAL A 176 4.57 -2.65 6.36
N GLU A 177 4.24 -3.67 5.57
CA GLU A 177 3.99 -4.98 6.13
C GLU A 177 5.21 -5.48 6.89
N PHE A 178 6.41 -5.30 6.33
CA PHE A 178 7.61 -5.68 7.06
C PHE A 178 7.83 -4.80 8.30
N TYR A 179 7.51 -3.52 8.23
CA TYR A 179 7.63 -2.61 9.37
C TYR A 179 6.78 -3.10 10.55
N ALA A 180 5.56 -3.51 10.28
CA ALA A 180 4.70 -4.02 11.34
C ALA A 180 5.17 -5.39 11.82
N ASN A 181 5.79 -6.16 10.94
CA ASN A 181 6.49 -7.41 11.27
C ASN A 181 5.58 -8.53 11.76
N LYS A 182 4.38 -8.62 11.21
CA LYS A 182 3.49 -9.78 11.40
C LYS A 182 3.31 -10.53 10.08
N ASN A 183 3.83 -11.74 10.01
CA ASN A 183 3.77 -12.57 8.83
C ASN A 183 4.16 -11.82 7.55
N PRO A 184 5.29 -11.11 7.55
CA PRO A 184 5.63 -10.32 6.36
C PRO A 184 6.12 -11.20 5.24
N ASP A 185 5.88 -10.74 4.03
CA ASP A 185 6.28 -11.46 2.82
C ASP A 185 6.34 -10.46 1.67
N TRP A 186 6.77 -10.96 0.51
CA TRP A 186 6.82 -10.19 -0.74
C TRP A 186 5.65 -10.50 -1.65
N GLU A 187 4.53 -10.94 -1.07
CA GLU A 187 3.28 -11.19 -1.78
C GLU A 187 2.32 -10.04 -1.48
N ILE A 188 1.34 -9.83 -2.35
CA ILE A 188 0.38 -8.74 -2.19
C ILE A 188 -1.01 -9.31 -1.93
N GLY A 189 -1.60 -8.92 -0.81
CA GLY A 189 -3.00 -9.20 -0.54
C GLY A 189 -3.32 -10.57 -0.01
N GLU A 190 -2.31 -11.36 0.34
CA GLU A 190 -2.52 -12.74 0.76
C GLU A 190 -3.47 -12.87 1.95
N ASP A 191 -3.54 -11.88 2.84
CA ASP A 191 -4.36 -12.03 4.03
C ASP A 191 -5.85 -11.91 3.74
N VAL A 192 -6.24 -11.31 2.61
CA VAL A 192 -7.64 -11.07 2.30
C VAL A 192 -8.10 -11.70 1.00
N TYR A 193 -7.20 -12.29 0.23
CA TYR A 193 -7.51 -12.89 -1.07
C TYR A 193 -7.92 -14.35 -0.91
N THR A 194 -8.99 -14.74 -1.63
CA THR A 194 -9.43 -16.13 -1.81
C THR A 194 -9.41 -16.92 -0.51
N PRO A 195 -10.34 -16.65 0.39
CA PRO A 195 -10.36 -17.39 1.66
C PRO A 195 -10.45 -18.90 1.50
N GLY A 196 -10.95 -19.40 0.38
CA GLY A 196 -11.02 -20.84 0.20
C GLY A 196 -9.77 -21.48 -0.36
N ILE A 197 -8.73 -20.71 -0.65
CA ILE A 197 -7.49 -21.20 -1.24
C ILE A 197 -6.32 -20.72 -0.37
N SER A 198 -5.61 -21.66 0.25
CA SER A 198 -4.45 -21.31 1.06
C SER A 198 -3.23 -21.12 0.18
N GLY A 199 -2.36 -20.20 0.59
CA GLY A 199 -1.03 -20.12 0.00
C GLY A 199 -0.90 -19.29 -1.25
N ASP A 200 -1.98 -18.65 -1.69
CA ASP A 200 -1.95 -17.82 -2.88
C ASP A 200 -2.01 -16.34 -2.49
N SER A 201 -2.02 -15.49 -3.50
CA SER A 201 -2.05 -14.05 -3.28
C SER A 201 -2.51 -13.41 -4.59
N LEU A 202 -2.77 -12.10 -4.52
CA LEU A 202 -3.21 -11.38 -5.70
C LEU A 202 -2.07 -11.16 -6.68
N ARG A 203 -0.92 -10.73 -6.16
CA ARG A 203 0.30 -10.58 -6.92
C ARG A 203 1.46 -11.10 -6.08
N SER A 204 2.55 -11.43 -6.76
CA SER A 204 3.81 -11.76 -6.11
C SER A 204 4.88 -10.81 -6.63
N MET A 205 5.65 -10.21 -5.70
CA MET A 205 6.80 -9.42 -6.12
C MET A 205 8.02 -10.30 -6.36
N SER A 206 8.15 -11.37 -5.59
CA SER A 206 9.29 -12.27 -5.72
C SER A 206 9.23 -13.10 -6.99
N ASP A 207 8.02 -13.42 -7.45
CA ASP A 207 7.85 -14.21 -8.65
C ASP A 207 6.54 -13.79 -9.30
N PRO A 208 6.51 -12.64 -9.97
CA PRO A 208 5.25 -12.14 -10.53
C PRO A 208 4.59 -13.12 -11.47
N ALA A 209 5.39 -13.93 -12.17
CA ALA A 209 4.87 -14.84 -13.17
C ALA A 209 4.02 -15.95 -12.56
N LYS A 210 4.10 -16.18 -11.25
CA LYS A 210 3.27 -17.20 -10.65
C LYS A 210 1.79 -16.92 -10.86
N TYR A 211 1.43 -15.64 -11.00
CA TYR A 211 0.05 -15.22 -11.26
C TYR A 211 -0.11 -14.61 -12.65
N GLY A 212 0.80 -14.93 -13.57
CA GLY A 212 0.72 -14.48 -14.94
C GLY A 212 1.22 -13.07 -15.22
N ASP A 213 1.82 -12.41 -14.25
CA ASP A 213 2.33 -11.07 -14.49
C ASP A 213 3.76 -11.14 -14.99
N PRO A 214 4.15 -10.21 -15.86
CA PRO A 214 5.50 -10.25 -16.42
C PRO A 214 6.57 -9.94 -15.40
N ASP A 215 7.72 -10.59 -15.62
CA ASP A 215 8.92 -10.43 -14.81
C ASP A 215 10.10 -9.98 -15.67
N HIS A 216 9.82 -9.48 -16.85
CA HIS A 216 10.84 -9.01 -17.78
C HIS A 216 10.14 -8.11 -18.78
N TYR A 217 10.84 -7.03 -19.18
CA TYR A 217 10.27 -6.03 -20.08
C TYR A 217 9.82 -6.64 -21.40
N SER A 218 10.49 -7.71 -21.86
CA SER A 218 10.12 -8.36 -23.11
C SER A 218 8.79 -9.07 -23.02
N LYS A 219 8.23 -9.22 -21.83
CA LYS A 219 6.92 -9.83 -21.61
C LYS A 219 5.86 -8.83 -21.24
N ARG A 220 6.14 -7.53 -21.40
CA ARG A 220 5.16 -6.52 -21.00
C ARG A 220 3.89 -6.62 -21.85
N TYR A 221 2.80 -6.24 -21.21
CA TYR A 221 1.50 -6.14 -21.86
C TYR A 221 1.36 -4.80 -22.56
N THR A 222 0.88 -4.83 -23.80
CA THR A 222 0.82 -3.67 -24.64
C THR A 222 -0.60 -3.30 -25.06
N GLY A 223 -1.61 -4.01 -24.56
CA GLY A 223 -3.00 -3.77 -24.90
C GLY A 223 -3.60 -2.68 -24.05
N THR A 224 -4.92 -2.58 -24.11
CA THR A 224 -5.62 -1.45 -23.49
C THR A 224 -6.35 -1.81 -22.20
N GLN A 225 -6.52 -3.09 -21.87
CA GLN A 225 -7.22 -3.45 -20.64
C GLN A 225 -6.44 -2.91 -19.44
N ASP A 226 -7.16 -2.68 -18.35
CA ASP A 226 -6.54 -2.32 -17.06
C ASP A 226 -5.66 -1.08 -17.22
N ASN A 227 -6.17 -0.08 -17.95
CA ASN A 227 -5.42 1.16 -18.17
C ASN A 227 -4.06 0.90 -18.81
N GLY A 228 -4.02 -0.03 -19.75
CA GLY A 228 -2.75 -0.41 -20.34
C GLY A 228 -1.93 -1.31 -19.47
N GLY A 229 -2.57 -2.12 -18.65
CA GLY A 229 -1.87 -3.12 -17.85
C GLY A 229 -1.22 -2.61 -16.58
N VAL A 230 -1.77 -1.61 -15.91
CA VAL A 230 -1.06 -1.06 -14.75
C VAL A 230 -0.86 -2.07 -13.63
N HIS A 231 -1.81 -3.00 -13.42
CA HIS A 231 -1.68 -4.03 -12.42
C HIS A 231 -0.98 -5.29 -12.92
N ILE A 232 -0.56 -5.28 -14.17
CA ILE A 232 0.11 -6.39 -14.84
C ILE A 232 1.59 -6.06 -14.99
N ASN A 233 1.88 -4.97 -15.71
CA ASN A 233 3.25 -4.53 -15.92
C ASN A 233 3.93 -4.07 -14.65
N SER A 234 3.19 -3.82 -13.59
CA SER A 234 3.82 -3.55 -12.29
C SER A 234 4.74 -4.71 -11.90
N GLY A 235 4.49 -5.92 -12.40
CA GLY A 235 5.34 -7.05 -12.04
C GLY A 235 6.79 -6.86 -12.44
N ILE A 236 7.04 -6.12 -13.51
CA ILE A 236 8.41 -5.91 -13.97
C ILE A 236 9.18 -5.06 -12.96
N ILE A 237 8.53 -4.01 -12.44
CA ILE A 237 9.14 -3.14 -11.46
C ILE A 237 9.16 -3.79 -10.08
N ASN A 238 8.09 -4.50 -9.71
CA ASN A 238 8.08 -5.22 -8.45
C ASN A 238 9.22 -6.23 -8.38
N LYS A 239 9.47 -6.94 -9.49
CA LYS A 239 10.59 -7.88 -9.52
C LYS A 239 11.92 -7.17 -9.36
N ALA A 240 12.10 -6.04 -10.05
CA ALA A 240 13.33 -5.27 -9.89
C ALA A 240 13.53 -4.84 -8.44
N ALA A 241 12.48 -4.36 -7.79
CA ALA A 241 12.59 -3.94 -6.39
C ALA A 241 12.93 -5.11 -5.47
N TYR A 242 12.25 -6.24 -5.69
CA TYR A 242 12.55 -7.46 -4.94
C TYR A 242 14.02 -7.84 -5.09
N LEU A 243 14.54 -7.79 -6.32
CA LEU A 243 15.94 -8.15 -6.54
C LEU A 243 16.89 -7.17 -5.87
N ILE A 244 16.60 -5.87 -5.93
CA ILE A 244 17.45 -4.89 -5.25
C ILE A 244 17.56 -5.25 -3.77
N SER A 245 16.42 -5.56 -3.14
CA SER A 245 16.43 -5.85 -1.71
C SER A 245 17.04 -7.20 -1.41
N GLN A 246 16.57 -8.25 -2.07
CA GLN A 246 16.84 -9.61 -1.65
C GLN A 246 17.90 -10.32 -2.48
N GLY A 247 18.24 -9.76 -3.64
CA GLY A 247 19.19 -10.39 -4.55
C GLY A 247 18.58 -11.58 -5.29
N GLY A 248 19.36 -12.13 -6.19
CA GLY A 248 19.03 -13.33 -6.93
C GLY A 248 19.63 -13.28 -8.31
N THR A 249 19.48 -14.39 -9.04
CA THR A 249 19.89 -14.46 -10.44
C THR A 249 18.64 -14.73 -11.25
N HIS A 250 18.36 -13.84 -12.18
CA HIS A 250 17.09 -13.80 -12.89
C HIS A 250 17.40 -13.63 -14.37
N TYR A 251 16.96 -14.59 -15.18
CA TYR A 251 17.33 -14.67 -16.59
C TYR A 251 18.84 -14.56 -16.76
N GLY A 252 19.58 -15.20 -15.86
CA GLY A 252 21.03 -15.26 -15.94
C GLY A 252 21.77 -14.06 -15.39
N VAL A 253 21.07 -13.03 -14.94
CA VAL A 253 21.69 -11.80 -14.44
C VAL A 253 21.65 -11.82 -12.92
N SER A 254 22.82 -11.78 -12.29
CA SER A 254 22.92 -11.85 -10.83
C SER A 254 22.86 -10.47 -10.20
N VAL A 255 22.10 -10.35 -9.13
CA VAL A 255 21.91 -9.10 -8.40
C VAL A 255 22.34 -9.34 -6.97
N VAL A 256 23.17 -8.45 -6.45
CA VAL A 256 23.56 -8.49 -5.04
C VAL A 256 22.54 -7.69 -4.23
N GLY A 257 21.84 -8.36 -3.31
CA GLY A 257 20.82 -7.67 -2.52
C GLY A 257 21.43 -6.72 -1.51
N ILE A 258 20.70 -5.62 -1.27
CA ILE A 258 21.15 -4.58 -0.34
C ILE A 258 20.20 -4.40 0.83
N GLY A 259 19.07 -5.11 0.84
CA GLY A 259 18.15 -5.08 1.95
C GLY A 259 17.00 -4.09 1.77
N ARG A 260 15.96 -4.31 2.58
CA ARG A 260 14.70 -3.58 2.43
C ARG A 260 14.84 -2.11 2.77
N ASP A 261 15.61 -1.78 3.82
CA ASP A 261 15.68 -0.40 4.24
C ASP A 261 16.29 0.48 3.14
N LYS A 262 17.35 -0.02 2.50
CA LYS A 262 17.97 0.72 1.41
C LYS A 262 17.08 0.76 0.17
N LEU A 263 16.38 -0.34 -0.13
CA LEU A 263 15.38 -0.28 -1.19
C LEU A 263 14.40 0.87 -0.94
N GLY A 264 13.86 0.93 0.27
CA GLY A 264 12.89 1.95 0.60
C GLY A 264 13.45 3.35 0.48
N LYS A 265 14.70 3.54 0.93
CA LYS A 265 15.31 4.89 0.82
C LYS A 265 15.49 5.28 -0.64
N ILE A 266 15.96 4.36 -1.47
CA ILE A 266 16.20 4.64 -2.88
C ILE A 266 14.88 4.97 -3.59
N PHE A 267 13.85 4.15 -3.38
CA PHE A 267 12.59 4.37 -4.08
C PHE A 267 11.83 5.56 -3.53
N TYR A 268 11.93 5.84 -2.22
CA TYR A 268 11.28 7.05 -1.70
C TYR A 268 11.90 8.30 -2.31
N ARG A 269 13.24 8.33 -2.38
CA ARG A 269 13.91 9.47 -3.00
C ARG A 269 13.56 9.59 -4.47
N ALA A 270 13.51 8.46 -5.18
CA ALA A 270 13.14 8.55 -6.59
C ALA A 270 11.74 9.11 -6.76
N LEU A 271 10.81 8.63 -5.94
CA LEU A 271 9.40 9.04 -6.02
C LEU A 271 9.27 10.54 -5.76
N THR A 272 10.01 11.05 -4.78
CA THR A 272 9.79 12.41 -4.30
C THR A 272 10.71 13.45 -4.90
N GLN A 273 11.83 13.03 -5.52
CA GLN A 273 12.78 13.99 -6.08
C GLN A 273 13.02 13.85 -7.59
N TYR A 274 12.69 12.74 -8.21
CA TYR A 274 13.07 12.54 -9.61
C TYR A 274 11.94 12.16 -10.55
N LEU A 275 11.00 11.32 -10.13
CA LEU A 275 9.93 10.89 -11.03
C LEU A 275 8.97 12.03 -11.31
N THR A 276 8.35 11.97 -12.49
CA THR A 276 7.40 12.99 -12.92
C THR A 276 6.13 12.28 -13.37
N PRO A 277 5.08 13.01 -13.75
CA PRO A 277 3.84 12.32 -14.10
C PRO A 277 3.97 11.38 -15.25
N THR A 278 4.90 11.65 -16.17
CA THR A 278 5.03 10.87 -17.40
C THR A 278 6.22 9.92 -17.39
N SER A 279 6.87 9.71 -16.26
CA SER A 279 8.05 8.83 -16.26
C SER A 279 7.71 7.45 -16.79
N ASN A 280 8.60 6.93 -17.65
CA ASN A 280 8.53 5.56 -18.12
C ASN A 280 9.54 4.68 -17.37
N PHE A 281 9.56 3.39 -17.71
CA PHE A 281 10.42 2.46 -16.96
C PHE A 281 11.89 2.86 -17.06
N SER A 282 12.36 3.26 -18.25
CA SER A 282 13.74 3.65 -18.43
C SER A 282 14.07 4.87 -17.55
N GLN A 283 13.13 5.81 -17.46
CA GLN A 283 13.32 6.97 -16.61
C GLN A 283 13.26 6.61 -15.13
N LEU A 284 12.49 5.58 -14.76
CA LEU A 284 12.56 5.08 -13.38
C LEU A 284 13.94 4.52 -13.08
N ARG A 285 14.50 3.73 -13.99
CA ARG A 285 15.86 3.22 -13.77
C ARG A 285 16.81 4.38 -13.52
N ALA A 286 16.75 5.41 -14.35
CA ALA A 286 17.65 6.54 -14.18
C ALA A 286 17.43 7.24 -12.85
N ALA A 287 16.16 7.39 -12.45
CA ALA A 287 15.84 8.02 -11.17
C ALA A 287 16.37 7.19 -9.99
N ALA A 288 16.22 5.87 -10.05
CA ALA A 288 16.71 5.01 -9.00
C ALA A 288 18.23 5.02 -8.92
N VAL A 289 18.90 5.00 -10.07
CA VAL A 289 20.37 5.09 -10.09
C VAL A 289 20.82 6.41 -9.49
N GLN A 290 20.16 7.51 -9.86
CA GLN A 290 20.57 8.80 -9.33
C GLN A 290 20.31 8.86 -7.83
N SER A 291 19.16 8.34 -7.39
CA SER A 291 18.83 8.35 -5.97
C SER A 291 19.85 7.55 -5.16
N ALA A 292 20.22 6.37 -5.64
CA ALA A 292 21.24 5.58 -4.96
C ALA A 292 22.59 6.27 -4.97
N THR A 293 22.90 6.99 -6.06
CA THR A 293 24.14 7.76 -6.12
C THR A 293 24.15 8.85 -5.05
N ASP A 294 23.05 9.60 -4.94
CA ASP A 294 22.94 10.65 -3.92
C ASP A 294 23.15 10.09 -2.52
N LEU A 295 22.55 8.93 -2.25
CA LEU A 295 22.52 8.40 -0.89
C LEU A 295 23.79 7.67 -0.52
N TYR A 296 24.44 6.98 -1.48
CA TYR A 296 25.48 6.00 -1.19
C TYR A 296 26.75 6.21 -1.98
N GLY A 297 26.75 7.02 -3.02
CA GLY A 297 27.92 7.30 -3.83
C GLY A 297 27.96 6.52 -5.12
N SER A 298 28.56 7.12 -6.15
CA SER A 298 28.56 6.52 -7.49
C SER A 298 29.27 5.17 -7.55
N THR A 299 30.27 4.94 -6.70
CA THR A 299 31.01 3.68 -6.72
C THR A 299 30.43 2.64 -5.78
N SER A 300 29.27 2.91 -5.20
CA SER A 300 28.75 2.06 -4.15
C SER A 300 28.17 0.75 -4.69
N GLN A 301 28.13 -0.25 -3.81
CA GLN A 301 27.39 -1.46 -4.11
C GLN A 301 25.92 -1.16 -4.40
N GLU A 302 25.34 -0.20 -3.67
CA GLU A 302 23.91 0.08 -3.86
C GLU A 302 23.62 0.52 -5.28
N VAL A 303 24.45 1.41 -5.85
CA VAL A 303 24.25 1.81 -7.24
C VAL A 303 24.42 0.62 -8.17
N ALA A 304 25.46 -0.19 -7.94
CA ALA A 304 25.69 -1.33 -8.81
C ALA A 304 24.52 -2.30 -8.80
N SER A 305 23.92 -2.50 -7.62
CA SER A 305 22.80 -3.44 -7.51
C SER A 305 21.55 -2.90 -8.17
N VAL A 306 21.30 -1.59 -8.10
CA VAL A 306 20.18 -1.02 -8.83
C VAL A 306 20.33 -1.30 -10.32
N LYS A 307 21.53 -1.08 -10.87
CA LYS A 307 21.75 -1.32 -12.29
C LYS A 307 21.55 -2.79 -12.64
N GLN A 308 22.07 -3.70 -11.81
CA GLN A 308 21.93 -5.12 -12.04
C GLN A 308 20.46 -5.53 -12.06
N ALA A 309 19.67 -5.01 -11.13
CA ALA A 309 18.26 -5.39 -11.03
C ALA A 309 17.48 -4.95 -12.26
N PHE A 310 17.71 -3.71 -12.72
CA PHE A 310 17.03 -3.25 -13.92
C PHE A 310 17.52 -4.00 -15.14
N ASP A 311 18.81 -4.34 -15.20
CA ASP A 311 19.31 -5.19 -16.28
C ASP A 311 18.57 -6.53 -16.27
N ALA A 312 18.40 -7.12 -15.09
CA ALA A 312 17.79 -8.45 -14.98
C ALA A 312 16.37 -8.47 -15.52
N VAL A 313 15.62 -7.36 -15.37
CA VAL A 313 14.26 -7.29 -15.88
C VAL A 313 14.19 -6.63 -17.25
N GLY A 314 15.34 -6.40 -17.90
CA GLY A 314 15.35 -5.92 -19.27
C GLY A 314 15.03 -4.45 -19.47
N VAL A 315 15.25 -3.61 -18.45
CA VAL A 315 14.99 -2.18 -18.52
C VAL A 315 16.31 -1.44 -18.55
N LYS A 316 16.57 -0.75 -19.67
CA LYS A 316 17.78 0.05 -19.81
C LYS A 316 17.52 1.53 -19.71
ZN ZN B . -3.14 0.37 -6.75
CA CA C . 1.94 -9.26 1.82
CA CA D . -19.42 -1.23 20.42
CA CA E . 1.89 -11.37 4.97
CA CA F . -6.22 -17.22 -0.45
C1 GOL G . -5.73 4.12 -7.32
O1 GOL G . -6.51 3.72 -6.21
C2 GOL G . -6.31 5.38 -7.93
O2 GOL G . -6.19 6.46 -7.03
C3 GOL G . -5.66 5.77 -9.24
O3 GOL G . -4.27 6.02 -9.08
C1 GOL H . -14.57 -3.54 -8.85
O1 GOL H . -13.23 -3.59 -9.28
C2 GOL H . -14.98 -4.94 -8.45
O2 GOL H . -14.76 -5.84 -9.52
C3 GOL H . -16.46 -5.11 -8.06
O3 GOL H . -16.46 -6.31 -7.30
S DMS I . 14.27 -12.11 -22.20
O DMS I . 14.69 -12.50 -23.58
C1 DMS I . 13.08 -13.37 -21.70
C2 DMS I . 15.63 -12.59 -21.15
S DMS J . -12.43 1.65 -9.83
O DMS J . -13.63 1.17 -10.60
C1 DMS J . -13.09 2.61 -8.48
C2 DMS J . -11.93 0.36 -8.67
S DMS K . -10.33 16.41 19.20
O DMS K . -11.08 17.64 19.68
C1 DMS K . -9.61 16.88 17.61
C2 DMS K . -8.83 16.38 20.21
S DMS L . 8.48 19.22 5.78
O DMS L . 8.57 20.33 4.78
C1 DMS L . 9.82 19.51 6.99
C2 DMS L . 7.07 19.54 6.89
C1 7AF M . -8.78 6.09 -10.58
C2 7AF M . -9.14 7.38 -10.13
C3 7AF M . -10.08 7.52 -9.10
C7 7AF M . -8.94 3.56 -10.52
C9 7AF M . -8.22 1.76 -9.17
C9 7AF M . -8.29 1.94 -8.96
C12 7AF M . -7.51 0.10 -7.58
C19 7AF M . -5.12 -4.69 -3.94
C20 7AF M . -3.82 -4.19 -3.29
C21 7AF M . -5.86 -5.67 -3.01
C22 7AF M . -5.55 -3.49 -6.74
O15 7AF M . -4.86 -0.44 -7.29
P13 7AF M . -6.09 -0.12 -6.47
C6 7AF M . -9.35 4.95 -10.01
C4 7AF M . -10.67 6.38 -8.53
C5 7AF M . -10.30 5.12 -8.98
N16 7AF M . -6.51 -1.59 -5.52
C17 7AF M . -5.56 -2.66 -5.48
C18 7AF M . -6.06 -3.51 -4.30
O23 7AF M . -4.53 -4.05 -7.10
N24 7AF M . -6.72 -3.58 -7.40
O14 7AF M . -5.92 1.07 -5.57
N11 7AF M . -7.60 1.47 -8.01
N11 7AF M . -7.27 1.19 -8.49
O10 7AF M . -8.56 0.94 -10.02
O10 7AF M . -9.47 1.78 -8.63
O8 7AF M . -8.19 3.08 -9.37
O8 7AF M . -7.88 2.84 -9.87
C25 7AF M . -6.83 -4.37 -8.62
C25 7AF M . -6.87 -4.36 -8.62
C26 7AF M . -7.14 -5.87 -8.35
C26 7AF M . -7.09 -5.88 -8.40
C27 7AF M . -8.48 -6.00 -7.57
C27 7AF M . -8.13 -6.12 -7.27
C28 7AF M . -7.27 -6.63 -9.70
C28 7AF M . -7.48 -6.59 -9.74
C30 7AF M . -8.64 -6.31 -10.33
C30 7AF M . -8.19 -7.96 -9.54
C29 7AF M . -6.19 -6.23 -10.76
C29 7AF M . -6.19 -6.84 -10.59
#